data_4K4J
#
_entry.id   4K4J
#
_cell.length_a   66.040
_cell.length_b   66.040
_cell.length_c   111.160
_cell.angle_alpha   90.00
_cell.angle_beta   90.00
_cell.angle_gamma   90.00
#
_symmetry.space_group_name_H-M   'P 43 21 2'
#
loop_
_entity.id
_entity.type
_entity.pdbx_description
1 polymer 'Retinoic acid receptor RXR-alpha'
2 polymer 'Nuclear receptor coactivator 2 peptide'
3 non-polymer '(2E,4E,6Z,8E)-8-(3,4-dihydronaphthalen-1(2H)-ylidene)-3,7-dimethylocta-2,4,6-trienoic acid'
4 water water
#
loop_
_entity_poly.entity_id
_entity_poly.type
_entity_poly.pdbx_seq_one_letter_code
_entity_poly.pdbx_strand_id
1 'polypeptide(L)'
;EDMPVERILEAELAVEPKTETYVEANMGLNPSSPNDPVTNICQAADKQLFTLVEWAKRIPHFSELPLDDQVILLRAGWNE
LLIASFSHRSIAVKDGILLATGLHVHRNSAHSAGVGAIFDRVLTELVSKMRDMQMDKTELGCLRAIVLFNPDSKGLSNPA
EVEALREKVYASLEAYCKHKYPEQPGRFAKLLLRLPALRSIGLKCLEHLFFFKLIGDTPIDTFLMEMLEAP
;
A
2 'polypeptide(L)' KHKILHRLLQDSS B
#
loop_
_chem_comp.id
_chem_comp.type
_chem_comp.name
_chem_comp.formula
1O8 non-polymer '(2E,4E,6Z,8E)-8-(3,4-dihydronaphthalen-1(2H)-ylidene)-3,7-dimethylocta-2,4,6-trienoic acid' 'C20 H22 O2'
#
# COMPACT_ATOMS: atom_id res chain seq x y z
N GLU A 1 19.99 -7.30 8.04
CA GLU A 1 20.81 -6.51 9.00
C GLU A 1 20.25 -5.13 9.26
N ASP A 2 20.01 -4.83 10.53
CA ASP A 2 19.46 -3.53 10.93
C ASP A 2 18.10 -3.27 10.30
N MET A 3 17.15 -4.17 10.54
CA MET A 3 15.79 -4.04 10.01
C MET A 3 14.81 -4.56 11.07
N PRO A 4 14.79 -3.94 12.25
CA PRO A 4 13.91 -4.34 13.35
C PRO A 4 12.42 -4.07 13.08
N VAL A 5 11.60 -5.08 13.34
CA VAL A 5 10.16 -4.97 13.13
C VAL A 5 9.55 -3.88 14.00
N GLU A 6 10.22 -3.53 15.09
CA GLU A 6 9.72 -2.48 15.97
C GLU A 6 9.67 -1.14 15.23
N ARG A 7 10.71 -0.84 14.47
CA ARG A 7 10.78 0.41 13.71
C ARG A 7 9.66 0.41 12.67
N ILE A 8 9.46 -0.74 12.01
CA ILE A 8 8.43 -0.86 10.99
C ILE A 8 7.04 -0.69 11.59
N LEU A 9 6.84 -1.25 12.78
CA LEU A 9 5.55 -1.14 13.46
C LEU A 9 5.29 0.31 13.83
N GLU A 10 6.33 1.02 14.22
CA GLU A 10 6.23 2.43 14.61
C GLU A 10 5.84 3.30 13.43
N ALA A 11 6.33 2.95 12.24
CA ALA A 11 6.02 3.71 11.05
C ALA A 11 4.50 3.65 10.80
N GLU A 12 3.90 2.50 11.06
CA GLU A 12 2.46 2.30 10.87
C GLU A 12 1.64 3.10 11.89
N LEU A 13 2.03 2.99 13.15
CA LEU A 13 1.33 3.69 14.23
C LEU A 13 1.47 5.19 14.12
N ALA A 14 2.58 5.64 13.53
CA ALA A 14 2.81 7.08 13.40
C ALA A 14 1.98 7.75 12.32
N VAL A 15 1.75 7.04 11.22
CA VAL A 15 1.00 7.60 10.10
C VAL A 15 -0.49 7.34 10.15
N GLU A 16 -0.91 6.45 11.04
CA GLU A 16 -2.32 6.13 11.15
C GLU A 16 -2.72 5.66 12.54
N PRO A 17 -3.54 6.47 13.24
CA PRO A 17 -4.02 6.17 14.59
C PRO A 17 -5.03 5.02 14.62
N ASN A 35 -21.43 12.57 -3.24
CA ASN A 35 -22.02 11.32 -2.77
C ASN A 35 -21.48 10.13 -3.58
N ASP A 36 -20.78 10.42 -4.67
CA ASP A 36 -20.20 9.37 -5.52
C ASP A 36 -19.04 8.70 -4.79
N PRO A 37 -19.20 7.42 -4.45
CA PRO A 37 -18.15 6.68 -3.74
C PRO A 37 -16.79 6.72 -4.43
N VAL A 38 -16.79 6.80 -5.76
CA VAL A 38 -15.54 6.86 -6.52
C VAL A 38 -14.79 8.15 -6.23
N THR A 39 -15.50 9.27 -6.20
CA THR A 39 -14.88 10.55 -5.89
C THR A 39 -14.31 10.51 -4.48
N ASN A 40 -15.04 9.93 -3.53
CA ASN A 40 -14.54 9.86 -2.16
C ASN A 40 -13.25 9.04 -2.10
N ILE A 41 -13.19 7.97 -2.87
CA ILE A 41 -12.00 7.11 -2.91
C ILE A 41 -10.80 7.87 -3.49
N CYS A 42 -11.00 8.58 -4.59
CA CYS A 42 -9.92 9.36 -5.18
C CYS A 42 -9.44 10.46 -4.25
N GLN A 43 -10.33 11.10 -3.51
CA GLN A 43 -9.88 12.15 -2.60
C GLN A 43 -9.07 11.56 -1.44
N ALA A 44 -9.48 10.39 -0.96
CA ALA A 44 -8.79 9.70 0.13
C ALA A 44 -7.40 9.26 -0.32
N ALA A 45 -7.30 8.78 -1.56
CA ALA A 45 -6.02 8.33 -2.11
C ALA A 45 -5.02 9.48 -2.19
N ASP A 46 -5.50 10.66 -2.55
CA ASP A 46 -4.63 11.82 -2.68
C ASP A 46 -4.12 12.21 -1.29
N LYS A 47 -5.03 12.30 -0.34
CA LYS A 47 -4.71 12.61 1.05
C LYS A 47 -3.68 11.60 1.57
N GLN A 48 -3.92 10.32 1.34
CA GLN A 48 -3.00 9.30 1.84
C GLN A 48 -1.65 9.26 1.17
N LEU A 49 -1.55 9.82 -0.03
CA LEU A 49 -0.28 9.86 -0.72
C LEU A 49 0.79 10.68 0.04
N PHE A 50 0.37 11.79 0.65
CA PHE A 50 1.31 12.61 1.40
C PHE A 50 1.81 11.83 2.61
N THR A 51 0.88 11.09 3.24
CA THR A 51 1.20 10.28 4.40
C THR A 51 2.11 9.12 4.05
N LEU A 52 1.91 8.55 2.85
CA LEU A 52 2.74 7.44 2.39
C LEU A 52 4.20 7.85 2.39
N VAL A 53 4.49 9.08 1.94
CA VAL A 53 5.86 9.57 1.90
C VAL A 53 6.45 9.62 3.32
N GLU A 54 5.68 10.16 4.26
CA GLU A 54 6.12 10.28 5.66
C GLU A 54 6.31 8.89 6.26
N TRP A 55 5.52 7.93 5.80
CA TRP A 55 5.64 6.57 6.28
C TRP A 55 6.91 5.94 5.73
N ALA A 56 7.12 6.11 4.43
CA ALA A 56 8.30 5.54 3.80
C ALA A 56 9.57 6.07 4.46
N LYS A 57 9.57 7.34 4.84
CA LYS A 57 10.74 7.95 5.48
C LYS A 57 11.09 7.30 6.82
N ARG A 58 10.07 6.74 7.46
CA ARG A 58 10.22 6.07 8.75
C ARG A 58 10.68 4.63 8.60
N ILE A 59 10.66 4.12 7.38
CA ILE A 59 11.09 2.76 7.10
C ILE A 59 12.61 2.76 7.04
N PRO A 60 13.27 2.04 7.95
CA PRO A 60 14.74 1.96 8.01
C PRO A 60 15.44 1.82 6.66
N HIS A 61 16.46 2.65 6.47
CA HIS A 61 17.29 2.67 5.26
C HIS A 61 16.65 3.24 4.00
N PHE A 62 15.34 3.47 4.00
CA PHE A 62 14.68 4.01 2.82
C PHE A 62 15.20 5.40 2.45
N SER A 63 15.24 6.29 3.43
CA SER A 63 15.71 7.66 3.24
C SER A 63 17.18 7.74 2.85
N GLU A 64 17.93 6.67 3.12
CA GLU A 64 19.35 6.64 2.81
C GLU A 64 19.59 6.30 1.34
N LEU A 65 18.52 5.87 0.65
CA LEU A 65 18.64 5.55 -0.77
C LEU A 65 18.69 6.85 -1.57
N PRO A 66 19.28 6.81 -2.76
CA PRO A 66 19.35 8.03 -3.58
C PRO A 66 17.95 8.54 -3.89
N LEU A 67 17.74 9.85 -3.70
CA LEU A 67 16.45 10.47 -3.94
C LEU A 67 15.71 9.91 -5.16
N ASP A 68 16.44 9.71 -6.25
CA ASP A 68 15.84 9.19 -7.49
C ASP A 68 15.23 7.82 -7.29
N ASP A 69 15.94 6.93 -6.59
CA ASP A 69 15.42 5.58 -6.36
C ASP A 69 14.21 5.62 -5.42
N GLN A 70 14.18 6.60 -4.52
CA GLN A 70 13.07 6.76 -3.58
C GLN A 70 11.81 7.11 -4.37
N VAL A 71 11.99 7.93 -5.42
CA VAL A 71 10.90 8.33 -6.30
C VAL A 71 10.40 7.10 -7.08
N ILE A 72 11.32 6.35 -7.67
CA ILE A 72 10.97 5.15 -8.43
C ILE A 72 10.18 4.15 -7.56
N LEU A 73 10.73 3.77 -6.42
CA LEU A 73 10.03 2.85 -5.53
C LEU A 73 8.61 3.28 -5.13
N LEU A 74 8.42 4.56 -4.79
CA LEU A 74 7.09 5.03 -4.39
C LEU A 74 6.12 5.12 -5.57
N ARG A 75 6.60 5.60 -6.72
CA ARG A 75 5.73 5.72 -7.88
C ARG A 75 5.28 4.34 -8.34
N ALA A 76 6.16 3.36 -8.15
CA ALA A 76 5.85 1.99 -8.54
C ALA A 76 5.00 1.22 -7.53
N GLY A 77 5.02 1.60 -6.25
CA GLY A 77 4.22 0.86 -5.27
C GLY A 77 3.11 1.59 -4.55
N TRP A 78 2.95 2.88 -4.81
CA TRP A 78 1.91 3.60 -4.09
C TRP A 78 0.51 2.97 -4.05
N ASN A 79 -0.04 2.60 -5.20
CA ASN A 79 -1.38 2.01 -5.22
C ASN A 79 -1.46 0.73 -4.37
N GLU A 80 -0.52 -0.19 -4.50
CA GLU A 80 -0.52 -1.43 -3.70
C GLU A 80 -0.34 -1.10 -2.22
N LEU A 81 0.53 -0.13 -1.93
CA LEU A 81 0.78 0.30 -0.56
C LEU A 81 -0.48 0.88 0.09
N LEU A 82 -1.22 1.67 -0.67
CA LEU A 82 -2.45 2.27 -0.15
C LEU A 82 -3.56 1.25 -0.04
N ILE A 83 -3.66 0.34 -1.03
CA ILE A 83 -4.68 -0.69 -0.99
C ILE A 83 -4.48 -1.59 0.24
N ALA A 84 -3.24 -1.96 0.51
CA ALA A 84 -2.93 -2.81 1.66
C ALA A 84 -3.38 -2.12 2.96
N SER A 85 -3.16 -0.81 3.07
CA SER A 85 -3.53 -0.06 4.27
C SER A 85 -5.00 0.11 4.55
N PHE A 86 -5.78 0.51 3.55
CA PHE A 86 -7.18 0.68 3.84
C PHE A 86 -7.86 -0.69 3.93
N SER A 87 -7.29 -1.72 3.31
CA SER A 87 -7.87 -3.04 3.40
C SER A 87 -7.74 -3.58 4.84
N HIS A 88 -6.56 -3.46 5.43
CA HIS A 88 -6.32 -3.96 6.78
C HIS A 88 -7.09 -3.11 7.79
N ARG A 89 -7.26 -1.83 7.43
CA ARG A 89 -7.99 -0.91 8.27
C ARG A 89 -9.48 -1.21 8.27
N SER A 90 -9.93 -1.94 7.25
CA SER A 90 -11.35 -2.25 7.11
C SER A 90 -11.73 -3.66 7.58
N ILE A 91 -10.83 -4.33 8.29
CA ILE A 91 -11.10 -5.68 8.78
C ILE A 91 -12.36 -5.78 9.66
N ALA A 92 -12.61 -4.75 10.46
CA ALA A 92 -13.77 -4.73 11.33
C ALA A 92 -15.05 -4.32 10.59
N VAL A 93 -14.89 -3.61 9.47
CA VAL A 93 -16.03 -3.17 8.68
C VAL A 93 -16.85 -4.34 8.17
N LYS A 94 -18.17 -4.14 8.09
CA LYS A 94 -19.09 -5.17 7.64
C LYS A 94 -18.78 -5.56 6.19
N ASP A 95 -19.60 -5.09 5.25
CA ASP A 95 -19.37 -5.41 3.84
C ASP A 95 -18.92 -4.14 3.13
N GLY A 96 -17.69 -3.72 3.40
CA GLY A 96 -17.16 -2.52 2.79
C GLY A 96 -15.79 -2.12 3.32
N ILE A 97 -15.42 -0.85 3.13
CA ILE A 97 -14.13 -0.39 3.60
C ILE A 97 -14.21 0.97 4.26
N LEU A 98 -13.20 1.25 5.08
CA LEU A 98 -13.10 2.51 5.79
C LEU A 98 -12.01 3.39 5.16
N LEU A 99 -12.41 4.53 4.59
CA LEU A 99 -11.45 5.44 3.98
C LEU A 99 -10.71 6.25 5.04
N ALA A 100 -9.52 6.75 4.71
CA ALA A 100 -8.73 7.55 5.65
C ALA A 100 -9.47 8.84 6.01
N THR A 101 -10.39 9.26 5.17
CA THR A 101 -11.16 10.46 5.43
C THR A 101 -12.26 10.24 6.47
N GLY A 102 -12.27 9.05 7.08
CA GLY A 102 -13.28 8.75 8.08
C GLY A 102 -14.62 8.34 7.49
N LEU A 103 -14.64 8.17 6.16
CA LEU A 103 -15.86 7.78 5.44
C LEU A 103 -15.92 6.28 5.11
N HIS A 104 -17.13 5.74 5.07
CA HIS A 104 -17.28 4.31 4.78
C HIS A 104 -17.91 4.10 3.41
N VAL A 105 -17.32 3.20 2.63
CA VAL A 105 -17.86 2.86 1.31
C VAL A 105 -18.39 1.42 1.39
N HIS A 106 -19.71 1.29 1.37
CA HIS A 106 -20.33 -0.02 1.46
C HIS A 106 -20.28 -0.73 0.10
N ARG A 107 -20.18 -2.06 0.14
CA ARG A 107 -20.15 -2.86 -1.07
C ARG A 107 -21.26 -2.49 -2.08
N ASN A 108 -22.48 -2.23 -1.59
CA ASN A 108 -23.59 -1.87 -2.48
C ASN A 108 -23.37 -0.52 -3.15
N SER A 109 -22.81 0.43 -2.40
CA SER A 109 -22.54 1.76 -2.93
C SER A 109 -21.51 1.66 -4.07
N ALA A 110 -20.47 0.84 -3.87
CA ALA A 110 -19.46 0.68 -4.90
C ALA A 110 -20.10 0.06 -6.15
N HIS A 111 -20.93 -0.95 -5.93
CA HIS A 111 -21.62 -1.64 -7.02
C HIS A 111 -22.50 -0.67 -7.81
N SER A 112 -23.20 0.21 -7.10
CA SER A 112 -24.07 1.18 -7.75
C SER A 112 -23.28 2.29 -8.44
N ALA A 113 -21.94 2.25 -8.37
CA ALA A 113 -21.12 3.26 -9.02
C ALA A 113 -20.38 2.70 -10.21
N GLY A 114 -20.56 1.40 -10.47
CA GLY A 114 -19.87 0.77 -11.59
C GLY A 114 -18.52 0.15 -11.25
N VAL A 115 -18.14 0.16 -9.97
CA VAL A 115 -16.85 -0.43 -9.62
C VAL A 115 -17.02 -1.64 -8.70
N GLY A 116 -18.16 -2.32 -8.82
CA GLY A 116 -18.47 -3.49 -8.01
C GLY A 116 -17.54 -4.69 -8.12
N ALA A 117 -17.11 -5.02 -9.34
CA ALA A 117 -16.20 -6.13 -9.62
C ALA A 117 -14.88 -5.96 -8.85
N ILE A 118 -14.20 -4.84 -9.08
CA ILE A 118 -12.94 -4.62 -8.38
C ILE A 118 -13.12 -4.51 -6.87
N PHE A 119 -14.21 -3.88 -6.43
CA PHE A 119 -14.46 -3.70 -5.00
C PHE A 119 -14.57 -5.05 -4.30
N ASP A 120 -15.32 -5.97 -4.89
CA ASP A 120 -15.48 -7.31 -4.32
C ASP A 120 -14.14 -8.07 -4.22
N ARG A 121 -13.26 -7.90 -5.19
CA ARG A 121 -11.96 -8.56 -5.17
C ARG A 121 -11.20 -8.08 -3.93
N VAL A 122 -11.25 -6.78 -3.66
CA VAL A 122 -10.58 -6.25 -2.48
C VAL A 122 -11.14 -6.88 -1.21
N LEU A 123 -12.47 -7.00 -1.11
CA LEU A 123 -13.07 -7.60 0.08
C LEU A 123 -12.80 -9.09 0.21
N THR A 124 -12.88 -9.81 -0.90
CA THR A 124 -12.68 -11.26 -0.91
C THR A 124 -11.22 -11.68 -0.81
N GLU A 125 -10.36 -11.04 -1.59
CA GLU A 125 -8.96 -11.42 -1.61
C GLU A 125 -8.07 -10.76 -0.59
N LEU A 126 -8.44 -9.57 -0.14
CA LEU A 126 -7.63 -8.86 0.83
C LEU A 126 -8.30 -8.70 2.19
N VAL A 127 -9.31 -7.84 2.26
CA VAL A 127 -9.99 -7.60 3.52
C VAL A 127 -10.36 -8.87 4.30
N SER A 128 -11.18 -9.72 3.69
CA SER A 128 -11.63 -10.97 4.31
C SER A 128 -10.48 -11.87 4.74
N LYS A 129 -9.47 -12.01 3.88
CA LYS A 129 -8.33 -12.87 4.19
C LYS A 129 -7.46 -12.29 5.29
N MET A 130 -7.37 -10.97 5.37
CA MET A 130 -6.58 -10.35 6.41
C MET A 130 -7.32 -10.56 7.74
N ARG A 131 -8.64 -10.60 7.67
CA ARG A 131 -9.45 -10.79 8.86
C ARG A 131 -9.41 -12.24 9.35
N ASP A 132 -9.46 -13.20 8.44
CA ASP A 132 -9.45 -14.63 8.80
C ASP A 132 -8.19 -15.05 9.55
N MET A 133 -7.04 -14.50 9.19
CA MET A 133 -5.81 -14.87 9.85
C MET A 133 -5.40 -13.87 10.91
N GLN A 134 -6.23 -12.87 11.14
CA GLN A 134 -5.94 -11.85 12.13
C GLN A 134 -4.58 -11.17 11.91
N MET A 135 -4.27 -10.83 10.67
CA MET A 135 -3.00 -10.15 10.36
C MET A 135 -2.85 -8.94 11.27
N ASP A 136 -1.73 -8.85 11.98
CA ASP A 136 -1.51 -7.72 12.88
C ASP A 136 -0.80 -6.54 12.17
N LYS A 137 -0.67 -5.41 12.87
CA LYS A 137 -0.04 -4.22 12.32
C LYS A 137 1.44 -4.40 11.94
N THR A 138 2.15 -5.21 12.73
CA THR A 138 3.55 -5.50 12.48
C THR A 138 3.69 -6.22 11.16
N GLU A 139 2.87 -7.26 10.99
CA GLU A 139 2.88 -8.05 9.76
C GLU A 139 2.48 -7.17 8.57
N LEU A 140 1.46 -6.34 8.76
CA LEU A 140 1.01 -5.44 7.72
C LEU A 140 2.16 -4.52 7.29
N GLY A 141 2.82 -3.93 8.27
CA GLY A 141 3.90 -3.01 8.00
C GLY A 141 5.03 -3.64 7.23
N CYS A 142 5.34 -4.87 7.59
CA CYS A 142 6.44 -5.59 6.95
C CYS A 142 6.07 -5.91 5.50
N LEU A 143 4.82 -6.27 5.26
CA LEU A 143 4.39 -6.56 3.90
C LEU A 143 4.48 -5.31 3.05
N ARG A 144 4.10 -4.17 3.61
CA ARG A 144 4.17 -2.91 2.88
C ARG A 144 5.65 -2.54 2.68
N ALA A 145 6.49 -2.86 3.66
CA ALA A 145 7.91 -2.58 3.49
C ALA A 145 8.47 -3.44 2.35
N ILE A 146 8.01 -4.68 2.22
CA ILE A 146 8.46 -5.57 1.15
C ILE A 146 8.01 -5.02 -0.22
N VAL A 147 6.81 -4.47 -0.26
CA VAL A 147 6.28 -3.90 -1.50
C VAL A 147 7.11 -2.67 -1.86
N LEU A 148 7.35 -1.79 -0.88
CA LEU A 148 8.15 -0.60 -1.11
C LEU A 148 9.49 -0.99 -1.77
N PHE A 149 10.18 -1.95 -1.15
CA PHE A 149 11.46 -2.40 -1.68
C PHE A 149 11.30 -3.37 -2.84
N ASN A 150 10.72 -2.86 -3.92
CA ASN A 150 10.50 -3.67 -5.11
C ASN A 150 11.73 -3.60 -6.01
N PRO A 151 12.54 -4.67 -5.99
CA PRO A 151 13.76 -4.74 -6.80
C PRO A 151 13.50 -4.76 -8.30
N ASP A 152 12.26 -5.03 -8.70
CA ASP A 152 11.92 -5.08 -10.12
C ASP A 152 11.55 -3.72 -10.73
N SER A 153 11.44 -2.71 -9.87
CA SER A 153 11.12 -1.35 -10.30
C SER A 153 12.14 -0.84 -11.33
N LYS A 154 11.67 -0.54 -12.54
CA LYS A 154 12.53 -0.08 -13.62
C LYS A 154 13.18 1.27 -13.30
N GLY A 155 14.44 1.40 -13.72
CA GLY A 155 15.15 2.65 -13.48
C GLY A 155 16.06 2.68 -12.27
N LEU A 156 15.86 1.73 -11.35
CA LEU A 156 16.69 1.66 -10.14
C LEU A 156 18.18 1.75 -10.46
N SER A 157 18.86 2.69 -9.82
CA SER A 157 20.29 2.86 -10.05
C SER A 157 21.06 1.71 -9.42
N ASN A 158 20.46 1.05 -8.43
CA ASN A 158 21.12 -0.09 -7.78
C ASN A 158 20.08 -1.09 -7.28
N PRO A 159 19.51 -1.88 -8.19
CA PRO A 159 18.50 -2.88 -7.83
C PRO A 159 18.96 -3.90 -6.79
N ALA A 160 20.24 -4.23 -6.82
CA ALA A 160 20.81 -5.19 -5.87
C ALA A 160 20.61 -4.70 -4.44
N GLU A 161 20.85 -3.42 -4.21
CA GLU A 161 20.69 -2.84 -2.89
C GLU A 161 19.24 -2.96 -2.41
N VAL A 162 18.28 -2.61 -3.27
CA VAL A 162 16.87 -2.71 -2.94
C VAL A 162 16.51 -4.15 -2.61
N GLU A 163 17.09 -5.08 -3.38
CA GLU A 163 16.83 -6.49 -3.14
C GLU A 163 17.35 -6.87 -1.74
N ALA A 164 18.47 -6.28 -1.34
CA ALA A 164 19.05 -6.55 -0.02
C ALA A 164 18.10 -6.11 1.09
N LEU A 165 17.53 -4.93 0.96
CA LEU A 165 16.62 -4.43 1.98
C LEU A 165 15.36 -5.30 2.09
N ARG A 166 14.87 -5.75 0.93
CA ARG A 166 13.70 -6.59 0.90
C ARG A 166 13.95 -7.91 1.65
N GLU A 167 15.12 -8.51 1.44
CA GLU A 167 15.47 -9.76 2.11
C GLU A 167 15.59 -9.61 3.63
N LYS A 168 16.00 -8.42 4.09
CA LYS A 168 16.13 -8.15 5.52
C LYS A 168 14.74 -7.98 6.13
N VAL A 169 13.83 -7.39 5.37
CA VAL A 169 12.47 -7.19 5.86
C VAL A 169 11.77 -8.54 6.05
N TYR A 170 11.77 -9.40 5.03
CA TYR A 170 11.08 -10.68 5.19
C TYR A 170 11.87 -11.64 6.07
N ALA A 171 13.13 -11.31 6.33
CA ALA A 171 13.94 -12.13 7.21
C ALA A 171 13.46 -11.80 8.65
N SER A 172 13.23 -10.52 8.92
CA SER A 172 12.74 -10.06 10.22
C SER A 172 11.27 -10.44 10.42
N LEU A 173 10.49 -10.36 9.35
CA LEU A 173 9.07 -10.73 9.42
C LEU A 173 8.90 -12.19 9.82
N GLU A 174 9.66 -13.07 9.18
CA GLU A 174 9.59 -14.49 9.47
C GLU A 174 9.98 -14.74 10.93
N ALA A 175 11.03 -14.05 11.40
CA ALA A 175 11.43 -14.16 12.78
C ALA A 175 10.25 -13.75 13.67
N TYR A 176 9.62 -12.62 13.35
CA TYR A 176 8.46 -12.12 14.09
C TYR A 176 7.44 -13.26 14.20
N CYS A 177 7.09 -13.81 13.04
CA CYS A 177 6.15 -14.94 12.99
C CYS A 177 6.91 -16.14 13.58
N LYS A 178 6.22 -17.26 13.81
CA LYS A 178 6.89 -18.44 14.38
C LYS A 178 7.29 -18.19 15.83
N HIS A 179 7.55 -16.93 16.17
CA HIS A 179 7.92 -16.54 17.52
C HIS A 179 6.66 -16.00 18.21
N LYS A 180 5.93 -15.15 17.50
CA LYS A 180 4.69 -14.59 18.02
C LYS A 180 3.58 -15.62 17.81
N TYR A 181 3.67 -16.38 16.73
CA TYR A 181 2.68 -17.40 16.42
C TYR A 181 3.39 -18.72 16.15
N PRO A 182 4.07 -19.27 17.17
CA PRO A 182 4.77 -20.54 17.03
C PRO A 182 3.87 -21.66 16.57
N GLU A 183 2.60 -21.59 16.95
CA GLU A 183 1.63 -22.62 16.58
C GLU A 183 1.29 -22.61 15.09
N GLN A 184 1.59 -21.49 14.41
CA GLN A 184 1.30 -21.35 12.98
C GLN A 184 2.58 -21.27 12.14
N PRO A 185 3.18 -22.43 11.83
CA PRO A 185 4.41 -22.50 11.03
C PRO A 185 4.25 -22.04 9.59
N GLY A 186 3.02 -22.00 9.07
CA GLY A 186 2.81 -21.58 7.70
C GLY A 186 2.34 -20.15 7.60
N ARG A 187 2.27 -19.45 8.72
CA ARG A 187 1.80 -18.07 8.70
C ARG A 187 2.64 -17.20 7.79
N PHE A 188 3.96 -17.30 7.93
CA PHE A 188 4.91 -16.53 7.14
C PHE A 188 4.61 -16.62 5.65
N ALA A 189 4.54 -17.83 5.12
CA ALA A 189 4.26 -18.06 3.71
C ALA A 189 2.85 -17.55 3.33
N LYS A 190 1.90 -17.75 4.23
CA LYS A 190 0.54 -17.32 4.00
C LYS A 190 0.52 -15.80 3.81
N LEU A 191 1.31 -15.10 4.62
CA LEU A 191 1.39 -13.64 4.52
C LEU A 191 1.93 -13.20 3.16
N LEU A 192 3.05 -13.79 2.73
CA LEU A 192 3.66 -13.45 1.46
C LEU A 192 2.76 -13.83 0.28
N LEU A 193 1.98 -14.90 0.45
CA LEU A 193 1.10 -15.37 -0.61
C LEU A 193 -0.11 -14.48 -0.89
N ARG A 194 -0.20 -13.35 -0.22
CA ARG A 194 -1.27 -12.41 -0.51
C ARG A 194 -0.69 -11.34 -1.47
N LEU A 195 0.62 -11.35 -1.70
CA LEU A 195 1.25 -10.34 -2.57
C LEU A 195 0.81 -10.46 -4.03
N PRO A 196 0.62 -11.68 -4.51
CA PRO A 196 0.18 -11.87 -5.90
C PRO A 196 -1.19 -11.21 -6.10
N ALA A 197 -2.11 -11.42 -5.14
CA ALA A 197 -3.44 -10.81 -5.26
C ALA A 197 -3.36 -9.29 -5.17
N LEU A 198 -2.47 -8.80 -4.31
CA LEU A 198 -2.28 -7.36 -4.14
C LEU A 198 -1.81 -6.72 -5.45
N ARG A 199 -0.87 -7.38 -6.12
CA ARG A 199 -0.34 -6.91 -7.39
C ARG A 199 -1.45 -6.85 -8.46
N SER A 200 -2.29 -7.88 -8.48
CA SER A 200 -3.35 -7.94 -9.47
C SER A 200 -4.41 -6.86 -9.23
N ILE A 201 -4.80 -6.73 -7.97
CA ILE A 201 -5.80 -5.75 -7.59
C ILE A 201 -5.21 -4.35 -7.80
N GLY A 202 -3.92 -4.17 -7.56
CA GLY A 202 -3.29 -2.88 -7.76
C GLY A 202 -3.39 -2.46 -9.22
N LEU A 203 -3.02 -3.39 -10.10
CA LEU A 203 -3.06 -3.14 -11.53
C LEU A 203 -4.46 -2.80 -12.04
N LYS A 204 -5.47 -3.49 -11.52
CA LYS A 204 -6.83 -3.21 -11.97
C LYS A 204 -7.28 -1.84 -11.48
N CYS A 205 -6.97 -1.52 -10.24
CA CYS A 205 -7.38 -0.24 -9.69
C CYS A 205 -6.79 0.94 -10.48
N LEU A 206 -5.56 0.78 -10.93
CA LEU A 206 -4.88 1.80 -11.72
C LEU A 206 -5.58 1.96 -13.05
N GLU A 207 -5.94 0.85 -13.68
CA GLU A 207 -6.67 0.90 -14.95
C GLU A 207 -7.92 1.77 -14.78
N HIS A 208 -8.68 1.56 -13.70
CA HIS A 208 -9.88 2.36 -13.45
C HIS A 208 -9.53 3.84 -13.35
N LEU A 209 -8.52 4.14 -12.55
CA LEU A 209 -8.07 5.53 -12.34
C LEU A 209 -7.73 6.24 -13.65
N PHE A 210 -7.08 5.51 -14.56
CA PHE A 210 -6.72 6.05 -15.87
C PHE A 210 -7.97 6.29 -16.71
N PHE A 211 -9.00 5.46 -16.53
CA PHE A 211 -10.23 5.64 -17.26
C PHE A 211 -10.98 6.86 -16.71
N PHE A 212 -11.01 7.00 -15.38
CA PHE A 212 -11.67 8.14 -14.74
C PHE A 212 -11.02 9.44 -15.23
N LYS A 213 -9.70 9.44 -15.31
CA LYS A 213 -8.95 10.60 -15.77
C LYS A 213 -9.29 10.91 -17.23
N LEU A 214 -9.43 9.87 -18.04
CA LEU A 214 -9.77 10.00 -19.46
C LEU A 214 -11.17 10.58 -19.66
N ILE A 215 -12.16 10.00 -18.98
CA ILE A 215 -13.55 10.45 -19.08
C ILE A 215 -13.72 11.88 -18.60
N GLY A 216 -12.75 12.39 -17.86
CA GLY A 216 -12.83 13.75 -17.38
C GLY A 216 -13.61 13.89 -16.10
N ASP A 217 -14.64 13.07 -15.92
CA ASP A 217 -15.43 13.12 -14.70
C ASP A 217 -14.56 12.59 -13.56
N THR A 218 -15.11 12.64 -12.35
CA THR A 218 -14.40 12.17 -11.17
C THR A 218 -13.21 13.08 -10.86
N PRO A 219 -13.39 14.00 -9.89
CA PRO A 219 -12.33 14.93 -9.50
C PRO A 219 -11.04 14.23 -9.05
N ILE A 220 -9.93 14.62 -9.64
CA ILE A 220 -8.65 14.03 -9.28
C ILE A 220 -7.70 15.15 -8.83
N ASP A 221 -7.23 15.05 -7.58
CA ASP A 221 -6.32 16.03 -7.01
C ASP A 221 -4.90 15.99 -7.60
N THR A 222 -4.12 17.02 -7.30
CA THR A 222 -2.76 17.17 -7.82
C THR A 222 -1.74 16.06 -7.58
N PHE A 223 -1.69 15.54 -6.36
CA PHE A 223 -0.71 14.52 -6.07
C PHE A 223 -1.10 13.18 -6.69
N LEU A 224 -2.40 12.90 -6.71
CA LEU A 224 -2.89 11.68 -7.31
C LEU A 224 -2.67 11.81 -8.83
N MET A 225 -2.99 12.98 -9.37
CA MET A 225 -2.79 13.21 -10.80
C MET A 225 -1.31 13.03 -11.16
N GLU A 226 -0.40 13.51 -10.30
CA GLU A 226 1.03 13.37 -10.59
C GLU A 226 1.44 11.88 -10.71
N MET A 227 0.85 11.04 -9.87
CA MET A 227 1.14 9.60 -9.90
C MET A 227 0.63 8.93 -11.19
N LEU A 228 -0.37 9.51 -11.83
CA LEU A 228 -0.92 8.95 -13.07
C LEU A 228 -0.15 9.45 -14.28
N GLU A 229 0.98 10.11 -14.04
CA GLU A 229 1.82 10.65 -15.11
C GLU A 229 2.69 9.54 -15.69
N ALA A 230 3.41 9.86 -16.75
CA ALA A 230 4.28 8.90 -17.40
C ALA A 230 5.70 8.97 -16.81
N PRO A 231 6.45 7.85 -16.86
CA PRO A 231 6.05 6.56 -17.43
C PRO A 231 4.91 5.90 -16.63
N LYS B 1 10.27 16.56 -13.52
CA LYS B 1 8.98 15.81 -13.38
C LYS B 1 8.80 15.35 -11.95
N HIS B 2 7.58 14.92 -11.64
CA HIS B 2 7.25 14.44 -10.29
C HIS B 2 7.60 15.52 -9.29
N LYS B 3 7.13 16.73 -9.55
CA LYS B 3 7.39 17.89 -8.69
C LYS B 3 7.00 17.70 -7.22
N ILE B 4 5.73 17.39 -6.98
CA ILE B 4 5.22 17.21 -5.62
C ILE B 4 6.02 16.15 -4.86
N LEU B 5 6.19 14.98 -5.45
CA LEU B 5 6.92 13.89 -4.82
C LEU B 5 8.34 14.26 -4.40
N HIS B 6 9.13 14.84 -5.31
CA HIS B 6 10.52 15.24 -5.00
C HIS B 6 10.57 16.19 -3.80
N ARG B 7 9.70 17.20 -3.81
CA ARG B 7 9.63 18.19 -2.73
C ARG B 7 9.35 17.58 -1.37
N LEU B 8 8.33 16.72 -1.31
CA LEU B 8 7.97 16.07 -0.05
C LEU B 8 9.10 15.19 0.47
N LEU B 9 9.75 14.45 -0.41
CA LEU B 9 10.86 13.58 -0.03
C LEU B 9 12.08 14.37 0.45
N GLN B 10 12.28 15.54 -0.16
CA GLN B 10 13.40 16.40 0.15
C GLN B 10 13.37 16.96 1.57
N ASP B 11 12.23 17.47 1.99
CA ASP B 11 12.08 18.05 3.33
C ASP B 11 12.49 17.04 4.43
C2' 1O8 C . -8.93 3.72 -7.02
C1' 1O8 C . -9.68 3.27 -8.27
C18 1O8 C . -11.12 2.81 -7.97
C5 1O8 C . -11.18 1.86 -6.77
C4 1O8 C . -12.29 1.04 -6.63
C3 1O8 C . -12.41 0.17 -5.56
C2 1O8 C . -11.42 0.09 -4.58
C1 1O8 C . -10.30 0.91 -4.71
C6 1O8 C . -10.19 1.78 -5.79
C7 1O8 C . -9.00 2.64 -5.93
C8 1O8 C . -7.95 2.48 -5.04
C9 1O8 C . -6.74 3.32 -5.13
C19 1O8 C . -5.89 3.30 -6.40
C10 1O8 C . -6.34 4.12 -4.06
C11 1O8 C . -7.11 4.16 -2.81
C12 1O8 C . -6.65 4.95 -1.76
C13 1O8 C . -7.38 5.02 -0.48
C20 1O8 C . -8.89 4.82 -0.45
C14 1O8 C . -6.66 5.26 0.69
C15 1O8 C . -7.30 5.34 2.00
O1 1O8 C . -6.68 4.86 2.97
O2 1O8 C . -8.42 5.88 2.09
#